data_5MG2
#
_entry.id   5MG2
#
_cell.length_a   64.739
_cell.length_b   64.739
_cell.length_c   101.082
_cell.angle_alpha   90.00
_cell.angle_beta   90.00
_cell.angle_gamma   120.00
#
_symmetry.space_group_name_H-M   'P 31 2 1'
#
loop_
_entity.id
_entity.type
_entity.pdbx_description
1 polymer 'Transcription initiation factor TFIID subunit 1'
2 non-polymer 1,2-ETHANEDIOL
3 non-polymer 6-(3-oxidanylpropyl)-2-(1,3,6-trimethyl-2-oxidanylidene-benzimidazol-5-yl)benzo[de]isoquinoline-1,3-dione
4 water water
#
_entity_poly.entity_id   1
_entity_poly.type   'polypeptide(L)'
_entity_poly.pdbx_seq_one_letter_code
;SMDDDQVAFSFILDNIVTQKMMAVPDSWPFHHPVNKKFVPDYYKVIVNPMDLETIRKNISKHKYQSRESFLDDVNLILAN
SVKYNGPESQYTKTAQEIVNVCYQTLTEYDEHLTQLEKDICTAKEAALEEAELESLD
;
_entity_poly.pdbx_strand_id   A
#
loop_
_chem_comp.id
_chem_comp.type
_chem_comp.name
_chem_comp.formula
7M8 non-polymer 6-(3-oxidanylpropyl)-2-(1,3,6-trimethyl-2-oxidanylidene-benzimidazol-5-yl)benzo[de]isoquinoline-1,3-dione 'C25 H23 N3 O4'
EDO non-polymer 1,2-ETHANEDIOL 'C2 H6 O2'
#
# COMPACT_ATOMS: atom_id res chain seq x y z
N SER A 1 -8.32 -6.30 20.49
CA SER A 1 -9.52 -5.99 19.67
C SER A 1 -9.14 -5.89 18.20
N MET A 2 -10.15 -5.69 17.37
CA MET A 2 -9.94 -5.43 15.96
C MET A 2 -9.17 -4.13 15.79
N ASP A 3 -9.43 -3.16 16.66
CA ASP A 3 -8.74 -1.89 16.60
C ASP A 3 -7.23 -2.04 16.88
N ASP A 4 -6.85 -2.85 17.89
CA ASP A 4 -5.43 -3.14 18.15
C ASP A 4 -4.77 -3.85 16.98
N ASP A 5 -5.51 -4.74 16.33
CA ASP A 5 -4.97 -5.50 15.19
C ASP A 5 -4.75 -4.58 13.98
N GLN A 6 -5.73 -3.72 13.70
CA GLN A 6 -5.63 -2.68 12.67
C GLN A 6 -4.39 -1.80 12.88
N VAL A 7 -4.18 -1.39 14.12
CA VAL A 7 -3.01 -0.60 14.49
C VAL A 7 -1.69 -1.35 14.27
N ALA A 8 -1.63 -2.62 14.67
CA ALA A 8 -0.43 -3.42 14.51
C ALA A 8 -0.12 -3.66 13.03
N PHE A 9 -1.17 -3.88 12.26
CA PHE A 9 -1.06 -4.12 10.82
C PHE A 9 -0.54 -2.87 10.13
N SER A 10 -1.19 -1.74 10.38
CA SER A 10 -0.79 -0.47 9.77
C SER A 10 0.61 -0.01 10.20
N PHE A 11 1.02 -0.30 11.44
CA PHE A 11 2.40 -0.04 11.93
C PHE A 11 3.47 -0.77 11.10
N ILE A 12 3.26 -2.06 10.83
CA ILE A 12 4.19 -2.84 10.02
C ILE A 12 4.26 -2.28 8.58
N LEU A 13 3.11 -2.03 7.97
CA LEU A 13 3.09 -1.48 6.61
C LEU A 13 3.80 -0.13 6.55
N ASP A 14 3.54 0.74 7.52
CA ASP A 14 4.16 2.08 7.52
C ASP A 14 5.68 2.01 7.60
N ASN A 15 6.18 1.10 8.43
CA ASN A 15 7.62 0.86 8.51
C ASN A 15 8.22 0.30 7.23
N ILE A 16 7.47 -0.53 6.51
CA ILE A 16 7.92 -0.99 5.19
C ILE A 16 8.13 0.21 4.27
N VAL A 17 7.17 1.12 4.24
CA VAL A 17 7.24 2.31 3.40
C VAL A 17 8.43 3.20 3.81
N THR A 18 8.50 3.56 5.09
CA THR A 18 9.46 4.57 5.55
C THR A 18 10.88 4.05 5.65
N GLN A 19 11.04 2.82 6.13
CA GLN A 19 12.36 2.24 6.37
C GLN A 19 12.92 1.53 5.14
N LYS A 20 12.07 1.05 4.24
CA LYS A 20 12.55 0.27 3.11
C LYS A 20 12.30 0.94 1.76
N MET A 21 11.05 1.26 1.47
CA MET A 21 10.70 1.79 0.14
C MET A 21 11.23 3.21 -0.08
N MET A 22 11.04 4.08 0.92
CA MET A 22 11.53 5.45 0.85
C MET A 22 13.05 5.56 0.88
N ALA A 23 13.71 4.50 1.34
CA ALA A 23 15.16 4.44 1.42
C ALA A 23 15.84 3.92 0.13
N VAL A 24 15.06 3.53 -0.88
CA VAL A 24 15.62 3.04 -2.14
C VAL A 24 16.38 4.19 -2.80
N PRO A 25 17.57 3.92 -3.34
CA PRO A 25 18.33 5.04 -3.90
C PRO A 25 17.60 5.74 -5.06
N ASP A 26 17.66 7.06 -5.04
CA ASP A 26 17.02 7.90 -6.06
C ASP A 26 15.52 7.71 -6.16
N SER A 27 14.90 7.42 -5.02
CA SER A 27 13.43 7.22 -4.99
C SER A 27 12.66 8.54 -4.85
N TRP A 28 13.39 9.66 -4.85
CA TRP A 28 12.78 10.98 -4.74
C TRP A 28 11.58 11.29 -5.66
N PRO A 29 11.52 10.77 -6.91
CA PRO A 29 10.27 11.05 -7.66
C PRO A 29 9.01 10.46 -7.07
N PHE A 30 9.14 9.52 -6.14
CA PHE A 30 8.02 8.71 -5.72
C PHE A 30 7.49 9.01 -4.32
N HIS A 31 8.11 9.95 -3.61
CA HIS A 31 7.75 10.29 -2.25
C HIS A 31 6.51 11.20 -2.12
N HIS A 32 6.12 11.85 -3.22
CA HIS A 32 4.96 12.74 -3.26
C HIS A 32 4.17 12.53 -4.55
N PRO A 33 2.91 13.00 -4.56
CA PRO A 33 2.16 13.04 -5.82
C PRO A 33 2.89 13.89 -6.82
N VAL A 34 2.79 13.51 -8.08
CA VAL A 34 3.38 14.29 -9.17
C VAL A 34 2.78 15.68 -9.18
N ASN A 35 3.64 16.69 -9.28
CA ASN A 35 3.15 18.07 -9.34
C ASN A 35 2.83 18.44 -10.80
N LYS A 36 1.54 18.65 -11.06
CA LYS A 36 1.00 18.88 -12.38
C LYS A 36 1.60 20.12 -13.05
N LYS A 37 2.05 21.08 -12.26
CA LYS A 37 2.68 22.30 -12.83
C LYS A 37 3.96 21.94 -13.61
N PHE A 38 4.71 21.00 -13.07
CA PHE A 38 5.94 20.52 -13.69
C PHE A 38 5.71 19.42 -14.74
N VAL A 39 4.60 18.70 -14.62
CA VAL A 39 4.23 17.65 -15.57
C VAL A 39 2.77 17.80 -16.00
N PRO A 40 2.50 18.76 -16.91
CA PRO A 40 1.11 19.19 -17.10
C PRO A 40 0.11 18.13 -17.60
N ASP A 41 0.59 17.11 -18.29
CA ASP A 41 -0.28 16.07 -18.82
C ASP A 41 -0.37 14.81 -17.95
N TYR A 42 0.27 14.80 -16.78
CA TYR A 42 0.41 13.56 -15.99
C TYR A 42 -0.96 12.93 -15.70
N TYR A 43 -1.89 13.77 -15.23
CA TYR A 43 -3.20 13.32 -14.75
C TYR A 43 -4.21 13.14 -15.89
N LYS A 44 -3.84 13.56 -17.10
CA LYS A 44 -4.54 13.16 -18.32
C LYS A 44 -4.18 11.75 -18.75
N VAL A 45 -2.91 11.39 -18.60
CA VAL A 45 -2.39 10.09 -19.00
C VAL A 45 -2.67 9.02 -17.93
N ILE A 46 -2.48 9.38 -16.66
CA ILE A 46 -2.54 8.46 -15.51
C ILE A 46 -3.86 8.65 -14.77
N VAL A 47 -4.75 7.66 -14.93
CA VAL A 47 -6.09 7.67 -14.35
C VAL A 47 -6.10 7.45 -12.83
N ASN A 48 -5.19 6.59 -12.35
CA ASN A 48 -5.11 6.28 -10.92
C ASN A 48 -3.71 6.53 -10.38
N PRO A 49 -3.40 7.79 -10.13
CA PRO A 49 -2.07 8.11 -9.63
C PRO A 49 -1.84 7.52 -8.26
N MET A 50 -0.58 7.24 -7.95
CA MET A 50 -0.20 6.74 -6.63
C MET A 50 1.24 7.11 -6.32
N ASP A 51 1.52 7.33 -5.06
CA ASP A 51 2.85 7.63 -4.58
C ASP A 51 2.97 7.20 -3.13
N LEU A 52 4.17 7.28 -2.58
CA LEU A 52 4.45 6.74 -1.26
C LEU A 52 3.82 7.56 -0.13
N GLU A 53 3.68 8.89 -0.29
CA GLU A 53 3.00 9.72 0.72
C GLU A 53 1.53 9.30 0.81
N THR A 54 0.90 9.13 -0.35
CA THR A 54 -0.51 8.73 -0.44
C THR A 54 -0.72 7.35 0.18
N ILE A 55 0.18 6.41 -0.09
CA ILE A 55 0.14 5.11 0.59
C ILE A 55 0.20 5.30 2.11
N ARG A 56 1.08 6.18 2.60
CA ARG A 56 1.17 6.41 4.05
C ARG A 56 -0.12 7.01 4.62
N LYS A 57 -0.73 7.93 3.89
CA LYS A 57 -2.02 8.48 4.31
C LYS A 57 -3.11 7.41 4.35
N ASN A 58 -3.13 6.57 3.33
CA ASN A 58 -4.05 5.43 3.31
C ASN A 58 -3.85 4.48 4.50
N ILE A 59 -2.60 4.19 4.85
CA ILE A 59 -2.27 3.33 6.00
C ILE A 59 -2.80 3.95 7.29
N SER A 60 -2.60 5.26 7.45
CA SER A 60 -3.03 5.93 8.68
C SER A 60 -4.56 5.88 8.82
N LYS A 61 -5.28 5.82 7.70
CA LYS A 61 -6.73 5.67 7.72
C LYS A 61 -7.16 4.22 7.67
N HIS A 62 -6.22 3.29 7.84
CA HIS A 62 -6.50 1.86 7.83
C HIS A 62 -7.22 1.35 6.57
N LYS A 63 -6.86 1.92 5.40
CA LYS A 63 -7.42 1.48 4.13
C LYS A 63 -7.04 0.03 3.87
N TYR A 64 -5.82 -0.34 4.22
CA TYR A 64 -5.32 -1.68 3.88
C TYR A 64 -5.57 -2.67 5.00
N GLN A 65 -6.31 -3.72 4.65
CA GLN A 65 -6.63 -4.80 5.57
CA GLN A 65 -6.57 -4.80 5.60
C GLN A 65 -6.04 -6.13 5.11
N SER A 66 -5.30 -6.10 4.01
CA SER A 66 -4.63 -7.31 3.52
C SER A 66 -3.31 -6.92 2.85
N ARG A 67 -2.41 -7.90 2.81
CA ARG A 67 -1.15 -7.76 2.09
C ARG A 67 -1.46 -7.44 0.62
N GLU A 68 -2.44 -8.15 0.04
CA GLU A 68 -2.82 -7.91 -1.34
C GLU A 68 -3.26 -6.48 -1.63
N SER A 69 -4.10 -5.90 -0.76
CA SER A 69 -4.64 -4.55 -1.02
C SER A 69 -3.50 -3.53 -1.02
N PHE A 70 -2.57 -3.72 -0.09
CA PHE A 70 -1.35 -2.90 0.00
C PHE A 70 -0.50 -3.03 -1.24
N LEU A 71 -0.16 -4.27 -1.58
CA LEU A 71 0.65 -4.52 -2.76
C LEU A 71 0.07 -3.99 -4.05
N ASP A 72 -1.26 -3.95 -4.12
CA ASP A 72 -1.92 -3.44 -5.29
C ASP A 72 -1.61 -1.96 -5.50
N ASP A 73 -1.66 -1.15 -4.45
CA ASP A 73 -1.30 0.28 -4.56
C ASP A 73 0.19 0.46 -4.81
N VAL A 74 1.01 -0.36 -4.19
CA VAL A 74 2.44 -0.34 -4.47
C VAL A 74 2.73 -0.64 -5.95
N ASN A 75 2.07 -1.67 -6.48
CA ASN A 75 2.23 -2.02 -7.90
C ASN A 75 1.80 -0.88 -8.85
N LEU A 76 0.82 -0.10 -8.42
CA LEU A 76 0.33 1.01 -9.21
C LEU A 76 1.42 2.07 -9.47
N ILE A 77 2.32 2.26 -8.52
CA ILE A 77 3.43 3.21 -8.70
C ILE A 77 4.28 2.78 -9.90
N LEU A 78 4.56 1.49 -9.99
CA LEU A 78 5.33 0.96 -11.10
C LEU A 78 4.56 0.99 -12.41
N ALA A 79 3.32 0.51 -12.38
CA ALA A 79 2.50 0.45 -13.60
C ALA A 79 2.33 1.84 -14.21
N ASN A 80 2.13 2.84 -13.35
CA ASN A 80 1.94 4.19 -13.82
C ASN A 80 3.21 4.71 -14.50
N SER A 81 4.38 4.35 -13.96
CA SER A 81 5.65 4.77 -14.55
C SER A 81 5.87 4.09 -15.91
N VAL A 82 5.55 2.81 -16.01
CA VAL A 82 5.60 2.13 -17.31
C VAL A 82 4.74 2.88 -18.33
N LYS A 83 3.53 3.23 -17.94
CA LYS A 83 2.62 3.91 -18.85
C LYS A 83 3.08 5.32 -19.25
N TYR A 84 3.55 6.10 -18.27
CA TYR A 84 3.92 7.48 -18.55
C TYR A 84 5.34 7.58 -19.14
N ASN A 85 6.28 6.81 -18.59
CA ASN A 85 7.69 6.96 -18.95
C ASN A 85 8.24 5.86 -19.87
N GLY A 86 7.60 4.68 -19.88
CA GLY A 86 8.08 3.51 -20.63
C GLY A 86 8.94 2.59 -19.78
N PRO A 87 9.11 1.31 -20.21
CA PRO A 87 9.90 0.31 -19.47
C PRO A 87 11.34 0.66 -19.27
N GLU A 88 11.93 1.36 -20.22
CA GLU A 88 13.37 1.62 -20.18
C GLU A 88 13.77 2.89 -19.39
N SER A 89 12.79 3.67 -18.97
CA SER A 89 13.07 4.87 -18.19
C SER A 89 13.69 4.55 -16.83
N GLN A 90 14.62 5.40 -16.42
CA GLN A 90 15.09 5.36 -15.05
C GLN A 90 13.98 5.48 -14.01
N TYR A 91 12.91 6.24 -14.30
CA TYR A 91 11.80 6.31 -13.36
C TYR A 91 11.25 4.90 -13.12
N THR A 92 11.13 4.14 -14.19
CA THR A 92 10.52 2.80 -14.16
C THR A 92 11.46 1.83 -13.45
N LYS A 93 12.76 1.93 -13.74
CA LYS A 93 13.77 1.12 -13.07
C LYS A 93 13.78 1.33 -11.56
N THR A 94 13.67 2.59 -11.15
CA THR A 94 13.63 2.90 -9.73
C THR A 94 12.31 2.40 -9.11
N ALA A 95 11.19 2.56 -9.82
CA ALA A 95 9.90 2.11 -9.30
C ALA A 95 9.92 0.60 -9.10
N GLN A 96 10.58 -0.12 -10.02
CA GLN A 96 10.70 -1.57 -9.88
C GLN A 96 11.49 -1.99 -8.63
N GLU A 97 12.55 -1.26 -8.32
CA GLU A 97 13.33 -1.46 -7.12
C GLU A 97 12.48 -1.21 -5.87
N ILE A 98 11.61 -0.19 -5.92
CA ILE A 98 10.69 0.08 -4.80
C ILE A 98 9.72 -1.11 -4.59
N VAL A 99 9.15 -1.60 -5.67
CA VAL A 99 8.22 -2.73 -5.60
C VAL A 99 8.95 -3.96 -5.07
N ASN A 100 10.15 -4.23 -5.59
CA ASN A 100 10.94 -5.41 -5.16
C ASN A 100 11.25 -5.38 -3.67
N VAL A 101 11.66 -4.23 -3.16
CA VAL A 101 11.97 -4.05 -1.74
C VAL A 101 10.72 -4.25 -0.86
N CYS A 102 9.55 -3.82 -1.36
CA CYS A 102 8.27 -4.07 -0.71
C CYS A 102 8.00 -5.58 -0.57
N TYR A 103 8.09 -6.32 -1.67
CA TYR A 103 7.88 -7.78 -1.65
CA TYR A 103 7.87 -7.77 -1.63
C TYR A 103 8.84 -8.49 -0.71
N GLN A 104 10.12 -8.11 -0.76
CA GLN A 104 11.14 -8.74 0.10
C GLN A 104 10.82 -8.54 1.59
N THR A 105 10.32 -7.36 1.95
CA THR A 105 9.98 -7.04 3.34
C THR A 105 8.66 -7.66 3.77
N LEU A 106 7.68 -7.74 2.86
CA LEU A 106 6.45 -8.49 3.15
C LEU A 106 6.80 -9.94 3.44
N THR A 107 7.67 -10.51 2.61
CA THR A 107 8.15 -11.87 2.83
C THR A 107 8.68 -12.01 4.27
N GLU A 108 9.49 -11.04 4.68
CA GLU A 108 10.11 -11.04 5.99
C GLU A 108 9.09 -11.04 7.14
N TYR A 109 7.96 -10.33 6.99
CA TYR A 109 6.96 -10.21 8.08
C TYR A 109 5.64 -10.95 7.76
N ASP A 110 5.71 -11.94 6.87
CA ASP A 110 4.50 -12.56 6.29
C ASP A 110 3.65 -13.29 7.36
N GLU A 111 4.26 -14.05 8.26
CA GLU A 111 3.53 -14.79 9.30
CA GLU A 111 3.42 -14.80 9.20
C GLU A 111 2.64 -13.85 10.11
N HIS A 112 3.26 -12.78 10.62
CA HIS A 112 2.52 -11.82 11.48
C HIS A 112 1.46 -11.06 10.67
N LEU A 113 1.82 -10.63 9.46
CA LEU A 113 0.86 -9.94 8.62
C LEU A 113 -0.32 -10.84 8.25
N THR A 114 -0.05 -12.12 7.98
CA THR A 114 -1.10 -13.08 7.60
C THR A 114 -2.07 -13.32 8.77
N GLN A 115 -1.53 -13.50 9.97
CA GLN A 115 -2.40 -13.71 11.13
CA GLN A 115 -2.35 -13.68 11.18
C GLN A 115 -3.23 -12.46 11.43
N LEU A 116 -2.63 -11.27 11.35
CA LEU A 116 -3.40 -10.01 11.54
C LEU A 116 -4.52 -9.85 10.53
N GLU A 117 -4.22 -10.13 9.27
CA GLU A 117 -5.16 -9.99 8.18
C GLU A 117 -6.37 -10.93 8.39
N LYS A 118 -6.07 -12.16 8.77
CA LYS A 118 -7.13 -13.10 9.15
C LYS A 118 -7.97 -12.62 10.36
N ASP A 119 -7.29 -12.18 11.43
CA ASP A 119 -7.96 -11.75 12.66
C ASP A 119 -8.83 -10.52 12.42
N ILE A 120 -8.34 -9.57 11.63
CA ILE A 120 -9.11 -8.37 11.28
C ILE A 120 -10.37 -8.75 10.50
N CYS A 121 -10.22 -9.63 9.50
CA CYS A 121 -11.34 -10.08 8.71
C CYS A 121 -12.39 -10.84 9.57
N THR A 122 -11.91 -11.74 10.42
CA THR A 122 -12.81 -12.51 11.27
C THR A 122 -13.64 -11.58 12.18
N ALA A 123 -12.96 -10.61 12.79
CA ALA A 123 -13.62 -9.64 13.68
C ALA A 123 -14.66 -8.80 12.94
N LYS A 124 -14.29 -8.33 11.74
CA LYS A 124 -15.19 -7.59 10.87
C LYS A 124 -16.46 -8.39 10.52
N GLU A 125 -16.28 -9.68 10.19
CA GLU A 125 -17.40 -10.54 9.79
C GLU A 125 -18.32 -10.77 10.99
N ALA A 126 -17.72 -10.94 12.16
CA ALA A 126 -18.51 -11.20 13.36
C ALA A 126 -19.33 -9.96 13.73
N ALA A 127 -18.74 -8.77 13.60
CA ALA A 127 -19.50 -7.52 13.86
C ALA A 127 -20.67 -7.36 12.89
N LEU A 128 -20.44 -7.69 11.61
CA LEU A 128 -21.51 -7.65 10.63
C LEU A 128 -22.63 -8.66 10.94
N GLU A 129 -22.29 -9.88 11.41
CA GLU A 129 -23.32 -10.84 11.78
C GLU A 129 -24.14 -10.27 12.92
N GLU A 130 -23.46 -9.72 13.93
CA GLU A 130 -24.13 -9.07 15.08
C GLU A 130 -25.09 -7.96 14.60
N ALA A 131 -24.63 -7.08 13.74
CA ALA A 131 -25.52 -6.06 13.17
C ALA A 131 -26.69 -6.63 12.40
N GLU A 132 -26.45 -7.68 11.62
CA GLU A 132 -27.52 -8.28 10.85
C GLU A 132 -28.55 -8.92 11.79
N LEU A 133 -28.06 -9.54 12.87
CA LEU A 133 -28.95 -10.14 13.88
C LEU A 133 -29.81 -9.08 14.50
N GLU A 134 -29.22 -7.92 14.80
CA GLU A 134 -29.96 -6.84 15.42
C GLU A 134 -31.01 -6.24 14.47
N SER A 135 -30.69 -6.20 13.17
CA SER A 135 -31.67 -5.80 12.14
C SER A 135 -32.85 -6.74 12.09
N LEU A 136 -32.61 -8.01 12.41
CA LEU A 136 -33.68 -9.02 12.35
C LEU A 136 -34.67 -8.92 13.52
N ASP A 137 -34.26 -8.27 14.62
CA ASP A 137 -35.14 -8.02 15.78
C ASP A 137 -35.82 -9.30 16.30
C1 EDO B . 8.88 12.04 1.84
O1 EDO B . 10.02 11.90 2.68
C2 EDO B . 7.63 12.41 2.63
O2 EDO B . 6.48 11.97 1.88
C1 EDO C . 12.75 -12.99 0.10
O1 EDO C . 11.82 -12.48 -0.90
C2 EDO C . 13.52 -11.86 0.80
O2 EDO C . 13.06 -11.55 2.13
C1 EDO D . -2.04 3.34 13.80
O1 EDO D . -3.28 3.40 13.11
C2 EDO D . -1.10 2.51 12.95
O2 EDO D . 0.00 1.98 13.65
C1 7M8 E . 11.15 15.92 -5.26
C1 7M8 E . 6.58 17.33 -5.38
C2 7M8 E . 11.01 15.35 -6.52
C2 7M8 E . 6.43 16.81 -6.66
C3 7M8 E . 9.81 15.42 -7.18
C3 7M8 E . 7.49 16.21 -7.28
C4 7M8 E . 8.70 16.09 -6.58
C4 7M8 E . 8.73 16.07 -6.61
C8 7M8 E . 6.43 18.31 -2.70
C8 7M8 E . 11.83 16.99 -2.78
C9 7M8 E . 6.53 18.54 -1.22
C9 7M8 E . 11.87 16.78 -1.33
C10 7M8 E . 7.48 16.21 -7.26
C10 7M8 E . 9.82 15.40 -7.21
C11 7M8 E . 6.40 16.81 -6.65
C11 7M8 E . 11.03 15.33 -6.56
C12 7M8 E . 6.52 17.33 -5.37
C12 7M8 E . 11.20 15.89 -5.30
C13 7M8 E . 7.33 15.66 -8.63
C13 7M8 E . 9.66 14.79 -8.54
C14 7M8 E . 8.21 14.20 -10.35
C14 7M8 E . 8.19 14.21 -10.36
C15 7M8 E . 8.41 14.83 -11.58
C15 7M8 E . 8.40 14.82 -11.60
C16 7M8 E . 8.24 14.07 -12.74
C16 7M8 E . 8.23 14.06 -12.76
C17 7M8 E . 7.85 12.73 -12.64
C17 7M8 E . 7.84 12.73 -12.65
C18 7M8 E . 7.63 12.15 -11.40
C18 7M8 E . 7.61 12.15 -11.42
C19 7M8 E . 7.81 12.87 -10.23
C19 7M8 E . 7.79 12.86 -10.25
C20 7M8 E . 7.20 10.57 -12.99
C20 7M8 E . 7.19 10.57 -13.00
C21 7M8 E . 7.68 11.93 -15.05
C21 7M8 E . 7.68 11.92 -15.07
C24 7M8 E . 9.67 14.80 -8.51
C24 7M8 E . 7.33 15.66 -8.64
O3 7M8 E . 10.56 14.17 -9.05
O3 7M8 E . 6.34 15.85 -9.32
N 7M8 E . 8.42 14.95 -9.14
N 7M8 E . 8.42 14.94 -9.16
O2 7M8 E . 6.34 15.85 -9.32
O2 7M8 E . 10.55 14.15 -9.09
C6 7M8 E . 7.71 17.26 -4.67
C6 7M8 E . 10.17 16.53 -4.66
C7 7M8 E . 7.79 17.86 -3.28
C7 7M8 E . 10.39 17.13 -3.30
O 7M8 E . 7.61 19.41 -1.02
O 7M8 E . 11.35 17.93 -0.71
C5 7M8 E . 8.83 16.64 -5.29
C5 7M8 E . 8.90 16.62 -5.31
C 7M8 E . 10.10 16.54 -4.64
C 7M8 E . 7.76 17.24 -4.72
N1 7M8 E . 7.24 10.83 -11.62
N1 7M8 E . 7.24 10.82 -11.63
C22 7M8 E . 6.95 9.84 -10.60
C22 7M8 E . 6.94 9.83 -10.60
O1 7M8 E . 6.87 9.53 -13.53
O1 7M8 E . 6.87 9.53 -13.54
N2 7M8 E . 7.58 11.76 -13.61
N2 7M8 E . 7.58 11.75 -13.62
C23 7M8 E . 8.76 16.29 -11.69
C23 7M8 E . 8.74 16.29 -11.70
#